data_4AQP
#
_entry.id   4AQP
#
_cell.length_a   47.539
_cell.length_b   82.699
_cell.length_c   137.110
_cell.angle_alpha   90.00
_cell.angle_beta   90.00
_cell.angle_gamma   90.00
#
_symmetry.space_group_name_H-M   'P 21 21 21'
#
loop_
_entity.id
_entity.type
_entity.pdbx_description
1 polymer ATAXIN-1
2 non-polymer 'SODIUM ION'
3 non-polymer DI(HYDROXYETHYL)ETHER
4 water water
#
_entity_poly.entity_id   1
_entity_poly.type   'polypeptide(L)'
_entity_poly.pdbx_seq_one_letter_code
;GAMAPPTLPPYFMKGSIIQLANGELKKVEDLKTEDFIQSAEISNDLKIDSSTVERIEDSHSPGVAVIQFAVGEHRAQVSV
EVLVEYPFFVFGQGWSSCCPERTSQLFDLPCSKLSVGDVCISLTLK
;
_entity_poly.pdbx_strand_id   A,B,C,D
#
loop_
_chem_comp.id
_chem_comp.type
_chem_comp.name
_chem_comp.formula
NA non-polymer 'SODIUM ION' 'Na 1'
PEG non-polymer DI(HYDROXYETHYL)ETHER 'C4 H10 O3'
#
# COMPACT_ATOMS: atom_id res chain seq x y z
N ALA A 2 26.28 4.85 4.83
CA ALA A 2 25.33 4.74 5.92
C ALA A 2 24.15 5.68 5.69
N MET A 3 22.98 5.10 5.45
CA MET A 3 21.81 5.89 5.09
C MET A 3 20.85 6.04 6.26
N ALA A 4 20.03 7.08 6.21
CA ALA A 4 19.00 7.27 7.22
C ALA A 4 17.67 6.80 6.67
N PRO A 5 16.75 6.40 7.56
CA PRO A 5 15.42 6.00 7.11
C PRO A 5 14.82 7.09 6.22
N PRO A 6 14.20 6.69 5.10
CA PRO A 6 13.67 7.62 4.12
C PRO A 6 12.38 8.29 4.59
N THR A 7 11.94 7.99 5.82
CA THR A 7 10.74 8.61 6.35
C THR A 7 11.05 9.58 7.47
N LEU A 8 10.22 10.60 7.62
CA LEU A 8 10.33 11.50 8.76
C LEU A 8 9.13 11.31 9.69
N PRO A 9 9.37 11.40 11.01
CA PRO A 9 8.27 11.33 11.98
C PRO A 9 7.32 12.52 11.82
N PRO A 10 6.02 12.31 12.02
CA PRO A 10 4.99 13.32 11.76
C PRO A 10 4.89 14.38 12.85
N TYR A 11 5.59 14.20 13.97
CA TYR A 11 5.42 15.11 15.08
C TYR A 11 6.18 16.42 14.89
N PHE A 12 6.81 16.56 13.72
CA PHE A 12 7.60 17.75 13.43
C PHE A 12 6.74 18.93 12.96
N MET A 13 5.61 18.63 12.31
CA MET A 13 4.71 19.71 11.89
C MET A 13 4.26 20.52 13.10
N LYS A 14 4.72 21.76 13.18
CA LYS A 14 4.48 22.58 14.36
C LYS A 14 2.99 22.60 14.72
N GLY A 15 2.72 22.72 16.01
CA GLY A 15 1.36 22.62 16.50
C GLY A 15 1.17 21.26 17.14
N SER A 16 2.02 20.32 16.75
CA SER A 16 1.98 18.96 17.30
C SER A 16 2.32 19.00 18.77
N ILE A 17 1.66 18.15 19.55
CA ILE A 17 1.83 18.17 21.00
C ILE A 17 2.61 16.96 21.50
N ILE A 18 3.71 17.22 22.20
CA ILE A 18 4.55 16.16 22.73
C ILE A 18 4.19 15.82 24.18
N GLN A 19 3.94 14.54 24.44
CA GLN A 19 3.65 14.10 25.80
C GLN A 19 4.91 13.66 26.55
N LEU A 20 5.26 14.40 27.58
CA LEU A 20 6.39 14.06 28.44
C LEU A 20 6.02 12.97 29.44
N ALA A 21 7.04 12.21 29.87
CA ALA A 21 6.83 11.07 30.76
C ALA A 21 6.25 11.41 32.13
N ASN A 22 5.98 12.70 32.36
CA ASN A 22 5.40 13.13 33.64
C ASN A 22 3.92 13.43 33.52
N GLY A 23 3.45 13.62 32.29
CA GLY A 23 2.05 13.90 32.03
C GLY A 23 1.78 15.26 31.42
N GLU A 24 2.69 16.21 31.66
CA GLU A 24 2.54 17.53 31.10
C GLU A 24 2.69 17.50 29.58
N LEU A 25 2.09 18.48 28.90
CA LEU A 25 2.14 18.54 27.46
C LEU A 25 2.85 19.80 27.00
N LYS A 26 3.35 19.78 25.77
CA LYS A 26 4.11 20.90 25.24
C LYS A 26 4.07 20.83 23.72
N LYS A 27 3.89 21.98 23.07
CA LYS A 27 3.97 22.03 21.62
C LYS A 27 5.39 21.74 21.17
N VAL A 28 5.53 21.07 20.02
CA VAL A 28 6.82 20.60 19.55
C VAL A 28 7.85 21.72 19.38
N GLU A 29 7.37 22.92 19.08
CA GLU A 29 8.27 24.05 18.85
C GLU A 29 8.74 24.71 20.15
N ASP A 30 8.00 24.48 21.22
CA ASP A 30 8.33 25.06 22.53
C ASP A 30 9.14 24.09 23.39
N LEU A 31 9.53 22.97 22.79
CA LEU A 31 10.25 21.92 23.50
C LEU A 31 11.63 22.41 23.91
N LYS A 32 11.95 22.26 25.19
CA LYS A 32 13.22 22.72 25.75
C LYS A 32 14.16 21.55 26.04
N THR A 33 15.46 21.83 26.11
CA THR A 33 16.47 20.81 26.38
C THR A 33 16.12 19.98 27.63
N GLU A 34 15.74 20.68 28.70
CA GLU A 34 15.40 20.03 29.96
C GLU A 34 14.26 19.03 29.81
N ASP A 35 13.37 19.30 28.86
CA ASP A 35 12.24 18.42 28.61
C ASP A 35 12.71 17.04 28.15
N PHE A 36 13.91 16.98 27.57
CA PHE A 36 14.49 15.71 27.17
C PHE A 36 15.08 14.98 28.36
N ILE A 37 15.76 15.73 29.22
CA ILE A 37 16.48 15.16 30.35
C ILE A 37 15.59 14.41 31.35
N GLN A 38 14.70 15.14 32.01
CA GLN A 38 13.87 14.55 33.06
C GLN A 38 12.96 13.46 32.49
N SER A 39 12.58 13.61 31.22
CA SER A 39 11.74 12.63 30.56
C SER A 39 12.46 11.28 30.52
N ALA A 40 13.78 11.33 30.29
CA ALA A 40 14.59 10.13 30.24
C ALA A 40 15.06 9.73 31.64
N GLU A 41 14.93 10.65 32.58
CA GLU A 41 15.33 10.41 33.96
C GLU A 41 14.19 9.80 34.76
N ILE A 42 13.00 9.82 34.17
CA ILE A 42 11.84 9.23 34.83
C ILE A 42 11.36 8.01 34.06
N SER A 43 12.10 7.62 33.04
CA SER A 43 11.75 6.46 32.24
C SER A 43 12.69 5.30 32.52
N ASN A 44 12.13 4.17 32.94
CA ASN A 44 12.91 2.97 33.19
C ASN A 44 13.11 2.16 31.91
N ASP A 45 12.76 2.77 30.79
CA ASP A 45 13.02 2.17 29.49
C ASP A 45 14.08 2.97 28.76
N LEU A 46 14.01 4.29 28.88
CA LEU A 46 14.88 5.15 28.07
C LEU A 46 15.96 5.89 28.87
N LYS A 47 16.94 6.39 28.12
CA LYS A 47 17.94 7.31 28.65
C LYS A 47 18.29 8.29 27.53
N ILE A 48 19.12 9.27 27.83
CA ILE A 48 19.51 10.25 26.82
C ILE A 48 20.83 9.86 26.16
N ASP A 49 20.81 9.85 24.83
CA ASP A 49 22.01 9.60 24.05
C ASP A 49 22.37 10.90 23.35
N SER A 50 23.65 11.28 23.39
CA SER A 50 24.08 12.51 22.77
C SER A 50 25.16 12.29 21.73
N SER A 51 24.98 12.90 20.57
CA SER A 51 25.95 12.81 19.49
C SER A 51 26.44 14.18 19.05
N THR A 52 27.76 14.32 18.93
CA THR A 52 28.34 15.59 18.52
C THR A 52 28.60 15.60 17.02
N VAL A 53 28.22 16.70 16.38
CA VAL A 53 28.47 16.87 14.96
C VAL A 53 29.92 17.21 14.70
N GLU A 54 30.60 16.36 13.92
CA GLU A 54 32.01 16.55 13.61
C GLU A 54 32.23 17.21 12.25
N ARG A 55 31.41 16.85 11.28
CA ARG A 55 31.56 17.40 9.94
C ARG A 55 30.27 17.30 9.12
N ILE A 56 30.07 18.27 8.24
CA ILE A 56 28.89 18.30 7.38
C ILE A 56 29.33 18.52 5.94
N GLU A 57 29.12 17.50 5.11
CA GLU A 57 29.52 17.55 3.71
C GLU A 57 28.32 17.35 2.80
N ASP A 58 28.38 17.92 1.60
CA ASP A 58 27.39 17.63 0.57
C ASP A 58 27.56 16.19 0.13
N SER A 59 26.46 15.52 -0.17
CA SER A 59 26.52 14.16 -0.70
C SER A 59 26.36 14.19 -2.21
N HIS A 60 26.64 13.06 -2.86
CA HIS A 60 26.46 12.96 -4.29
C HIS A 60 24.99 13.15 -4.66
N SER A 61 24.11 12.81 -3.73
CA SER A 61 22.68 13.05 -3.89
C SER A 61 22.37 14.49 -3.47
N PRO A 62 21.67 15.23 -4.32
CA PRO A 62 21.35 16.64 -4.06
C PRO A 62 20.25 16.78 -3.01
N GLY A 63 20.42 17.74 -2.10
CA GLY A 63 19.46 17.94 -1.04
C GLY A 63 19.70 17.02 0.14
N VAL A 64 20.82 16.30 0.09
CA VAL A 64 21.18 15.34 1.13
C VAL A 64 22.59 15.62 1.63
N ALA A 65 22.72 15.68 2.96
CA ALA A 65 24.01 15.96 3.58
C ALA A 65 24.62 14.69 4.17
N VAL A 66 25.94 14.65 4.23
CA VAL A 66 26.65 13.57 4.90
C VAL A 66 27.23 14.08 6.21
N ILE A 67 26.59 13.72 7.32
CA ILE A 67 27.02 14.20 8.62
C ILE A 67 27.83 13.13 9.36
N GLN A 68 29.03 13.48 9.80
CA GLN A 68 29.84 12.57 10.59
C GLN A 68 29.57 12.88 12.05
N PHE A 69 29.23 11.85 12.82
CA PHE A 69 28.89 12.03 14.23
C PHE A 69 29.89 11.35 15.13
N ALA A 70 30.07 11.92 16.31
CA ALA A 70 30.77 11.24 17.39
C ALA A 70 29.71 10.84 18.41
N VAL A 71 29.31 9.57 18.38
CA VAL A 71 28.16 9.10 19.13
C VAL A 71 28.48 8.68 20.57
N GLY A 72 27.72 9.22 21.53
CA GLY A 72 27.80 8.81 22.92
C GLY A 72 29.19 8.86 23.51
N GLU A 73 29.37 8.21 24.66
CA GLU A 73 30.70 8.18 25.29
C GLU A 73 31.61 7.26 24.47
N HIS A 74 32.90 7.54 24.48
CA HIS A 74 33.84 6.83 23.63
C HIS A 74 33.76 7.35 22.18
N ARG A 75 32.87 8.30 21.96
CA ARG A 75 32.77 8.99 20.67
C ARG A 75 32.93 8.09 19.46
N ALA A 76 32.07 7.09 19.32
CA ALA A 76 32.10 6.24 18.12
C ALA A 76 31.80 7.09 16.89
N GLN A 77 32.58 6.90 15.84
CA GLN A 77 32.42 7.69 14.63
C GLN A 77 31.43 7.06 13.68
N VAL A 78 30.38 7.80 13.35
CA VAL A 78 29.36 7.33 12.45
C VAL A 78 28.99 8.42 11.46
N SER A 79 29.01 8.09 10.17
CA SER A 79 28.58 9.00 9.12
C SER A 79 27.24 8.54 8.56
N VAL A 80 26.30 9.48 8.44
CA VAL A 80 24.96 9.14 8.00
C VAL A 80 24.46 10.16 6.97
N GLU A 81 23.87 9.67 5.89
CA GLU A 81 23.30 10.55 4.89
C GLU A 81 21.88 10.92 5.29
N VAL A 82 21.63 12.20 5.45
CA VAL A 82 20.33 12.67 5.94
C VAL A 82 19.81 13.82 5.09
N LEU A 83 18.50 13.93 4.99
CA LEU A 83 17.88 15.05 4.30
C LEU A 83 18.38 16.35 4.93
N VAL A 84 18.56 17.36 4.10
CA VAL A 84 19.06 18.63 4.59
C VAL A 84 18.10 19.26 5.59
N GLU A 85 16.82 18.95 5.45
CA GLU A 85 15.81 19.57 6.31
C GLU A 85 15.66 18.86 7.65
N TYR A 86 16.17 17.63 7.74
CA TYR A 86 16.01 16.84 8.95
C TYR A 86 16.34 17.64 10.20
N PRO A 87 15.36 17.79 11.10
CA PRO A 87 15.50 18.59 12.32
C PRO A 87 16.19 17.82 13.44
N PHE A 88 17.30 18.35 13.94
CA PHE A 88 17.96 17.81 15.12
C PHE A 88 17.66 18.73 16.28
N PHE A 89 17.55 18.18 17.49
CA PHE A 89 17.43 19.03 18.65
C PHE A 89 18.81 19.17 19.28
N VAL A 90 19.40 20.35 19.13
CA VAL A 90 20.74 20.63 19.62
C VAL A 90 20.70 21.10 21.08
N PHE A 91 21.60 20.55 21.88
CA PHE A 91 21.69 20.91 23.28
C PHE A 91 21.80 22.42 23.50
N GLY A 92 20.79 23.01 24.16
CA GLY A 92 20.80 24.42 24.47
C GLY A 92 20.71 25.33 23.25
N GLN A 93 20.09 24.85 22.19
CA GLN A 93 19.93 25.63 20.97
C GLN A 93 18.59 25.36 20.29
N GLY A 94 17.96 24.24 20.65
CA GLY A 94 16.68 23.88 20.09
C GLY A 94 16.78 23.16 18.76
N TRP A 95 15.73 23.28 17.96
CA TRP A 95 15.67 22.59 16.68
C TRP A 95 16.64 23.17 15.67
N SER A 96 17.45 22.31 15.05
CA SER A 96 18.43 22.72 14.06
C SER A 96 18.45 21.75 12.88
N SER A 97 18.74 22.28 11.70
CA SER A 97 18.89 21.48 10.51
C SER A 97 19.92 22.14 9.61
N CYS A 98 20.29 21.46 8.52
CA CYS A 98 21.27 22.00 7.59
C CYS A 98 20.65 23.07 6.71
N CYS A 99 19.33 23.04 6.59
CA CYS A 99 18.62 24.02 5.79
C CYS A 99 17.33 24.41 6.48
N PRO A 100 17.43 25.31 7.46
CA PRO A 100 16.26 25.77 8.22
C PRO A 100 15.18 26.32 7.30
N GLU A 101 15.58 26.85 6.15
CA GLU A 101 14.64 27.43 5.20
C GLU A 101 13.67 26.37 4.67
N ARG A 102 14.18 25.16 4.46
CA ARG A 102 13.35 24.07 3.98
C ARG A 102 12.55 23.46 5.12
N THR A 103 13.16 23.42 6.29
CA THR A 103 12.46 22.90 7.47
C THR A 103 11.27 23.81 7.82
N SER A 104 11.33 25.08 7.41
CA SER A 104 10.20 25.99 7.60
C SER A 104 9.12 25.76 6.55
N GLN A 105 9.55 25.39 5.34
CA GLN A 105 8.63 25.15 4.25
C GLN A 105 7.92 23.83 4.44
N LEU A 106 8.50 22.97 5.28
CA LEU A 106 8.00 21.62 5.44
C LEU A 106 7.17 21.47 6.71
N PHE A 107 7.62 22.09 7.79
CA PHE A 107 7.02 21.90 9.11
C PHE A 107 6.65 23.21 9.78
N ASP A 108 7.05 24.32 9.15
CA ASP A 108 6.83 25.63 9.74
C ASP A 108 7.50 25.67 11.10
N LEU A 109 8.55 24.88 11.23
CA LEU A 109 9.31 24.78 12.46
C LEU A 109 10.57 25.63 12.37
N PRO A 110 10.71 26.61 13.27
CA PRO A 110 11.90 27.47 13.34
C PRO A 110 13.15 26.68 13.72
N CYS A 111 14.13 26.64 12.83
CA CYS A 111 15.36 25.89 13.07
C CYS A 111 16.59 26.79 13.08
N SER A 112 17.60 26.37 13.83
CA SER A 112 18.90 27.02 13.79
C SER A 112 19.75 26.34 12.72
N LYS A 113 20.94 26.88 12.44
CA LYS A 113 21.84 26.27 11.47
C LYS A 113 22.68 25.22 12.16
N LEU A 114 22.47 23.95 11.80
CA LEU A 114 23.28 22.88 12.37
C LEU A 114 24.75 23.18 12.10
N SER A 115 25.55 23.18 13.16
CA SER A 115 26.96 23.51 13.04
C SER A 115 27.84 22.45 13.68
N VAL A 116 29.10 22.44 13.26
CA VAL A 116 30.07 21.52 13.83
C VAL A 116 30.23 21.78 15.33
N GLY A 117 30.15 20.71 16.12
CA GLY A 117 30.25 20.83 17.56
C GLY A 117 28.89 20.88 18.25
N ASP A 118 27.81 20.78 17.48
CA ASP A 118 26.48 20.76 18.07
C ASP A 118 26.20 19.39 18.68
N VAL A 119 25.74 19.39 19.92
CA VAL A 119 25.41 18.14 20.59
C VAL A 119 23.94 17.78 20.36
N CYS A 120 23.71 16.91 19.39
CA CYS A 120 22.36 16.47 19.08
C CYS A 120 21.93 15.35 20.03
N ILE A 121 20.93 15.64 20.85
CA ILE A 121 20.47 14.68 21.85
C ILE A 121 19.22 13.93 21.38
N SER A 122 19.07 12.71 21.88
CA SER A 122 17.95 11.87 21.48
C SER A 122 17.60 10.91 22.61
N LEU A 123 16.37 10.39 22.57
CA LEU A 123 15.94 9.38 23.51
C LEU A 123 16.27 8.01 22.95
N THR A 124 16.91 7.18 23.77
CA THR A 124 17.23 5.82 23.36
C THR A 124 16.90 4.84 24.48
N LEU A 125 17.30 3.59 24.31
CA LEU A 125 16.90 2.52 25.23
C LEU A 125 17.86 2.33 26.39
N LYS A 126 17.47 1.48 27.34
CA LYS A 126 18.31 1.12 28.46
C LYS A 126 18.79 2.35 29.20
N GLY B 1 24.75 -2.09 15.76
CA GLY B 1 25.97 -1.30 15.89
C GLY B 1 25.71 0.09 16.43
N ALA B 2 26.69 0.98 16.27
CA ALA B 2 26.56 2.36 16.71
C ALA B 2 25.72 3.16 15.72
N MET B 3 24.72 3.88 16.23
CA MET B 3 23.73 4.52 15.38
C MET B 3 23.62 6.03 15.62
N ALA B 4 23.60 6.80 14.53
CA ALA B 4 23.44 8.24 14.64
C ALA B 4 21.98 8.58 14.92
N PRO B 5 21.71 9.84 15.34
CA PRO B 5 20.36 10.23 15.76
C PRO B 5 19.24 9.79 14.82
N PRO B 6 19.30 10.19 13.54
CA PRO B 6 18.24 9.86 12.58
C PRO B 6 17.88 8.39 12.49
N THR B 7 18.84 7.52 12.77
CA THR B 7 18.64 6.08 12.67
C THR B 7 17.77 5.56 13.81
N LEU B 8 17.82 6.27 14.93
CA LEU B 8 17.05 5.86 16.11
C LEU B 8 15.55 6.15 15.95
N PRO B 9 14.72 5.29 16.52
CA PRO B 9 13.27 5.50 16.54
C PRO B 9 12.91 6.79 17.29
N PRO B 10 11.89 7.51 16.81
CA PRO B 10 11.40 8.71 17.48
C PRO B 10 10.52 8.34 18.67
N TYR B 11 11.13 7.87 19.75
CA TYR B 11 10.38 7.43 20.92
C TYR B 11 9.55 8.56 21.48
N PHE B 12 9.88 9.79 21.10
CA PHE B 12 9.24 10.96 21.67
C PHE B 12 7.83 11.17 21.14
N MET B 13 7.46 10.42 20.11
CA MET B 13 6.13 10.58 19.55
C MET B 13 5.12 9.63 20.19
N LYS B 14 5.58 8.83 21.15
CA LYS B 14 4.68 8.03 21.96
C LYS B 14 3.69 8.96 22.65
N GLY B 15 2.41 8.67 22.50
CA GLY B 15 1.36 9.48 23.09
C GLY B 15 1.28 10.91 22.56
N SER B 16 1.84 11.15 21.38
CA SER B 16 1.84 12.50 20.82
C SER B 16 0.57 12.81 20.05
N ILE B 17 0.36 14.08 19.75
CA ILE B 17 -0.80 14.52 18.97
C ILE B 17 -0.30 15.32 17.78
N ILE B 18 -0.69 14.89 16.57
CA ILE B 18 -0.15 15.49 15.36
C ILE B 18 -1.05 16.61 14.87
N GLN B 19 -0.43 17.72 14.47
CA GLN B 19 -1.16 18.85 13.91
C GLN B 19 -1.12 18.81 12.38
N LEU B 20 -2.20 18.33 11.78
CA LEU B 20 -2.30 18.24 10.33
C LEU B 20 -2.37 19.60 9.66
N ALA B 21 -2.07 19.64 8.37
CA ALA B 21 -2.07 20.88 7.61
C ALA B 21 -3.47 21.49 7.52
N ASN B 22 -4.49 20.65 7.48
CA ASN B 22 -5.87 21.14 7.40
C ASN B 22 -6.35 21.74 8.71
N GLY B 23 -5.47 21.81 9.70
CA GLY B 23 -5.81 22.35 11.00
C GLY B 23 -6.28 21.28 11.97
N GLU B 24 -6.65 20.11 11.46
CA GLU B 24 -7.11 19.01 12.29
C GLU B 24 -6.04 18.52 13.25
N LEU B 25 -6.49 17.91 14.34
CA LEU B 25 -5.60 17.29 15.32
C LEU B 25 -5.93 15.81 15.48
N LYS B 26 -4.92 14.97 15.50
CA LYS B 26 -5.14 13.53 15.63
C LYS B 26 -4.09 12.87 16.52
N LYS B 27 -4.52 12.01 17.43
CA LYS B 27 -3.58 11.22 18.20
C LYS B 27 -2.79 10.40 17.19
N VAL B 28 -1.50 10.23 17.45
CA VAL B 28 -0.62 9.54 16.51
C VAL B 28 -1.16 8.17 16.08
N GLU B 29 -1.68 7.42 17.05
CA GLU B 29 -2.20 6.08 16.75
C GLU B 29 -3.44 6.11 15.84
N ASP B 30 -4.10 7.26 15.76
CA ASP B 30 -5.33 7.37 14.96
C ASP B 30 -5.12 7.95 13.57
N LEU B 31 -3.86 8.07 13.15
CA LEU B 31 -3.55 8.59 11.82
C LEU B 31 -3.99 7.64 10.72
N LYS B 32 -4.64 8.19 9.69
CA LYS B 32 -5.07 7.39 8.55
C LYS B 32 -4.30 7.77 7.30
N THR B 33 -4.18 6.82 6.37
CA THR B 33 -3.48 7.07 5.13
C THR B 33 -4.03 8.31 4.44
N GLU B 34 -5.33 8.47 4.49
CA GLU B 34 -5.96 9.63 3.88
C GLU B 34 -5.46 10.93 4.50
N ASP B 35 -5.15 10.89 5.79
CA ASP B 35 -4.66 12.08 6.47
C ASP B 35 -3.40 12.61 5.81
N PHE B 36 -2.59 11.71 5.27
CA PHE B 36 -1.38 12.09 4.55
C PHE B 36 -1.70 12.78 3.23
N ILE B 37 -2.51 12.13 2.41
CA ILE B 37 -2.86 12.65 1.11
C ILE B 37 -3.63 13.97 1.23
N GLN B 38 -4.47 14.04 2.25
CA GLN B 38 -5.35 15.19 2.45
C GLN B 38 -4.55 16.43 2.82
N SER B 39 -3.46 16.24 3.56
CA SER B 39 -2.62 17.36 3.98
C SER B 39 -1.52 17.64 2.97
N ALA B 40 -1.44 16.80 1.94
CA ALA B 40 -0.47 16.99 0.87
C ALA B 40 -1.11 17.74 -0.30
N GLU B 41 -2.43 17.90 -0.23
CA GLU B 41 -3.15 18.62 -1.28
C GLU B 41 -3.29 20.09 -0.92
N ILE B 42 -2.96 20.42 0.33
CA ILE B 42 -3.08 21.79 0.81
C ILE B 42 -2.14 22.73 0.08
N SER B 43 -0.86 22.40 0.07
CA SER B 43 0.14 23.18 -0.65
C SER B 43 0.48 22.51 -1.97
N ASN B 44 1.22 23.22 -2.81
CA ASN B 44 1.72 22.62 -4.04
C ASN B 44 3.19 22.25 -3.89
N ASP B 45 3.84 22.85 -2.90
CA ASP B 45 5.23 22.57 -2.61
C ASP B 45 5.37 21.30 -1.77
N LEU B 46 4.22 20.75 -1.38
CA LEU B 46 4.20 19.52 -0.59
C LEU B 46 3.69 18.32 -1.39
N LYS B 47 4.20 17.15 -1.06
CA LYS B 47 3.75 15.91 -1.71
C LYS B 47 4.09 14.70 -0.86
N ILE B 48 3.40 13.60 -1.11
CA ILE B 48 3.62 12.37 -0.37
C ILE B 48 4.68 11.51 -1.03
N ASP B 49 5.89 11.53 -0.48
CA ASP B 49 6.99 10.74 -1.01
C ASP B 49 6.78 9.28 -0.61
N SER B 50 7.27 8.36 -1.43
CA SER B 50 7.07 6.94 -1.15
C SER B 50 8.38 6.16 -1.17
N SER B 51 8.53 5.26 -0.20
CA SER B 51 9.66 4.34 -0.19
C SER B 51 9.13 2.93 -0.03
N THR B 52 9.45 2.08 -1.01
CA THR B 52 8.91 0.72 -1.02
C THR B 52 9.88 -0.29 -0.44
N VAL B 53 9.40 -1.06 0.54
CA VAL B 53 10.23 -2.09 1.13
C VAL B 53 10.51 -3.17 0.10
N GLU B 54 11.78 -3.34 -0.24
CA GLU B 54 12.20 -4.33 -1.23
C GLU B 54 12.73 -5.61 -0.59
N ARG B 55 13.29 -5.49 0.61
CA ARG B 55 13.87 -6.64 1.28
C ARG B 55 14.09 -6.36 2.76
N ILE B 56 13.88 -7.38 3.58
CA ILE B 56 14.05 -7.28 5.01
C ILE B 56 14.85 -8.46 5.52
N GLU B 57 15.84 -8.18 6.35
CA GLU B 57 16.69 -9.24 6.89
C GLU B 57 17.12 -8.91 8.31
N ASP B 58 18.00 -9.74 8.86
CA ASP B 58 18.64 -9.46 10.13
C ASP B 58 20.08 -9.02 9.88
N SER B 59 20.53 -8.02 10.63
CA SER B 59 21.89 -7.50 10.47
C SER B 59 22.90 -8.34 11.24
N HIS B 60 24.18 -8.03 11.07
CA HIS B 60 25.22 -8.67 11.85
C HIS B 60 25.02 -8.36 13.32
N SER B 61 24.36 -7.23 13.59
CA SER B 61 24.02 -6.82 14.95
C SER B 61 22.62 -7.30 15.30
N PRO B 62 22.43 -7.76 16.55
CA PRO B 62 21.14 -8.26 17.02
C PRO B 62 20.16 -7.11 17.32
N GLY B 63 18.87 -7.34 17.10
CA GLY B 63 17.87 -6.34 17.37
C GLY B 63 17.82 -5.29 16.28
N VAL B 64 18.66 -5.46 15.26
CA VAL B 64 18.72 -4.53 14.14
C VAL B 64 18.36 -5.23 12.83
N ALA B 65 17.45 -4.63 12.07
CA ALA B 65 17.05 -5.21 10.78
C ALA B 65 17.69 -4.48 9.61
N VAL B 66 17.94 -5.20 8.51
CA VAL B 66 18.48 -4.60 7.31
C VAL B 66 17.38 -4.46 6.26
N ILE B 67 16.91 -3.24 6.07
CA ILE B 67 15.80 -2.99 5.15
C ILE B 67 16.31 -2.38 3.84
N GLN B 68 15.79 -2.86 2.71
CA GLN B 68 16.15 -2.33 1.41
C GLN B 68 14.98 -1.56 0.81
N PHE B 69 15.22 -0.31 0.45
CA PHE B 69 14.15 0.56 -0.05
C PHE B 69 14.38 1.02 -1.49
N ALA B 70 13.29 1.14 -2.23
CA ALA B 70 13.29 1.92 -3.45
C ALA B 70 12.70 3.28 -3.08
N VAL B 71 13.53 4.31 -3.06
CA VAL B 71 13.13 5.62 -2.56
C VAL B 71 12.76 6.60 -3.67
N GLY B 72 11.57 7.18 -3.57
CA GLY B 72 11.13 8.22 -4.49
C GLY B 72 10.77 7.72 -5.88
N GLU B 73 10.41 8.65 -6.76
CA GLU B 73 10.01 8.31 -8.12
C GLU B 73 11.12 7.59 -8.87
N HIS B 74 12.36 8.03 -8.67
CA HIS B 74 13.50 7.45 -9.36
C HIS B 74 14.03 6.21 -8.64
N ARG B 75 13.24 5.71 -7.69
CA ARG B 75 13.51 4.43 -7.05
C ARG B 75 14.97 4.24 -6.65
N ALA B 76 15.52 5.20 -5.92
CA ALA B 76 16.89 5.10 -5.43
C ALA B 76 17.01 3.91 -4.47
N GLN B 77 18.08 3.13 -4.64
CA GLN B 77 18.36 2.00 -3.77
C GLN B 77 18.98 2.44 -2.45
N VAL B 78 18.36 2.04 -1.35
CA VAL B 78 18.77 2.49 -0.04
C VAL B 78 18.66 1.36 0.97
N SER B 79 19.79 1.04 1.60
CA SER B 79 19.86 0.02 2.63
C SER B 79 20.02 0.67 3.99
N VAL B 80 19.13 0.32 4.91
CA VAL B 80 19.10 0.96 6.22
C VAL B 80 19.14 -0.07 7.33
N GLU B 81 19.97 0.17 8.34
CA GLU B 81 19.98 -0.65 9.54
C GLU B 81 19.35 0.10 10.69
N VAL B 82 18.20 -0.39 11.16
CA VAL B 82 17.49 0.24 12.26
C VAL B 82 17.07 -0.80 13.29
N LEU B 83 16.82 -0.34 14.51
CA LEU B 83 16.29 -1.20 15.57
C LEU B 83 14.97 -1.82 15.13
N VAL B 84 14.79 -3.11 15.44
CA VAL B 84 13.66 -3.88 14.91
C VAL B 84 12.29 -3.29 15.20
N GLU B 85 12.23 -2.29 16.09
CA GLU B 85 10.94 -1.71 16.48
C GLU B 85 10.62 -0.38 15.80
N TYR B 86 11.44 0.02 14.83
CA TYR B 86 11.28 1.32 14.18
C TYR B 86 9.94 1.45 13.43
N PRO B 87 9.07 2.34 13.91
CA PRO B 87 7.72 2.51 13.35
C PRO B 87 7.74 3.20 11.99
N PHE B 88 7.17 2.53 11.00
CA PHE B 88 6.95 3.11 9.67
C PHE B 88 5.45 3.21 9.44
N PHE B 89 5.02 4.25 8.73
CA PHE B 89 3.62 4.37 8.35
C PHE B 89 3.44 3.90 6.92
N VAL B 90 2.53 2.94 6.72
CA VAL B 90 2.39 2.27 5.44
C VAL B 90 1.09 2.63 4.73
N PHE B 91 1.19 2.85 3.43
CA PHE B 91 0.03 3.15 2.61
C PHE B 91 -1.03 2.06 2.78
N GLY B 92 -2.23 2.46 3.20
CA GLY B 92 -3.34 1.54 3.35
C GLY B 92 -3.18 0.55 4.48
N GLN B 93 -2.26 0.84 5.40
CA GLN B 93 -1.96 -0.11 6.47
C GLN B 93 -1.71 0.54 7.83
N GLY B 94 -1.08 1.71 7.82
CA GLY B 94 -0.73 2.38 9.05
C GLY B 94 0.57 1.88 9.66
N TRP B 95 0.73 2.06 10.96
CA TRP B 95 2.00 1.79 11.63
C TRP B 95 2.44 0.33 11.50
N SER B 96 3.71 0.16 11.18
CA SER B 96 4.26 -1.17 10.94
C SER B 96 5.73 -1.18 11.33
N SER B 97 6.28 -2.37 11.54
CA SER B 97 7.69 -2.48 11.90
C SER B 97 8.10 -3.94 11.86
N CYS B 98 9.41 -4.17 11.89
CA CYS B 98 9.95 -5.52 11.85
C CYS B 98 9.61 -6.29 13.12
N CYS B 99 9.23 -5.56 14.15
CA CYS B 99 8.82 -6.18 15.40
C CYS B 99 7.63 -5.45 16.00
N PRO B 100 6.43 -5.71 15.45
CA PRO B 100 5.20 -5.03 15.82
C PRO B 100 4.98 -5.08 17.34
N GLU B 101 5.22 -6.24 17.93
CA GLU B 101 4.98 -6.44 19.35
C GLU B 101 5.81 -5.49 20.18
N ARG B 102 7.07 -5.34 19.79
CA ARG B 102 7.97 -4.46 20.52
C ARG B 102 7.61 -3.00 20.28
N THR B 103 7.08 -2.71 19.09
CA THR B 103 6.67 -1.35 18.76
C THR B 103 5.46 -0.91 19.57
N SER B 104 4.53 -1.83 19.81
CA SER B 104 3.32 -1.53 20.56
C SER B 104 3.61 -1.14 22.01
N GLN B 105 4.47 -1.92 22.66
CA GLN B 105 4.79 -1.69 24.08
C GLN B 105 5.71 -0.47 24.29
N LEU B 106 6.29 0.04 23.20
CA LEU B 106 7.22 1.17 23.31
C LEU B 106 6.64 2.49 22.81
N PHE B 107 5.71 2.41 21.87
CA PHE B 107 5.10 3.61 21.31
C PHE B 107 3.61 3.68 21.64
N ASP B 108 3.09 2.62 22.25
CA ASP B 108 1.71 2.61 22.70
C ASP B 108 0.77 2.82 21.51
N LEU B 109 0.72 1.83 20.62
CA LEU B 109 -0.15 1.89 19.45
C LEU B 109 -0.10 0.59 18.62
N PRO B 110 -1.22 0.25 17.96
CA PRO B 110 -1.31 -0.96 17.13
C PRO B 110 -0.28 -0.91 16.01
N CYS B 111 0.35 -2.05 15.74
CA CYS B 111 1.41 -2.10 14.74
C CYS B 111 1.34 -3.38 13.94
N SER B 112 1.42 -3.24 12.62
CA SER B 112 1.39 -4.38 11.72
C SER B 112 2.79 -4.85 11.36
N LYS B 113 2.88 -6.08 10.87
CA LYS B 113 4.14 -6.65 10.39
C LYS B 113 4.58 -5.97 9.10
N LEU B 114 5.71 -5.28 9.14
CA LEU B 114 6.28 -4.70 7.95
C LEU B 114 6.66 -5.83 7.00
N SER B 115 6.19 -5.74 5.75
CA SER B 115 6.43 -6.78 4.76
C SER B 115 6.89 -6.20 3.43
N VAL B 116 7.73 -6.95 2.74
CA VAL B 116 8.15 -6.57 1.40
C VAL B 116 6.95 -6.12 0.57
N GLY B 117 7.09 -4.99 -0.11
CA GLY B 117 6.01 -4.46 -0.93
C GLY B 117 5.21 -3.36 -0.26
N ASP B 118 5.41 -3.19 1.05
CA ASP B 118 4.75 -2.10 1.76
C ASP B 118 5.34 -0.79 1.30
N VAL B 119 4.47 0.18 1.06
CA VAL B 119 4.91 1.51 0.65
C VAL B 119 4.90 2.43 1.87
N CYS B 120 6.09 2.77 2.35
CA CYS B 120 6.21 3.65 3.50
C CYS B 120 6.20 5.11 3.06
N ILE B 121 5.23 5.86 3.57
CA ILE B 121 5.06 7.24 3.15
C ILE B 121 5.42 8.25 4.24
N SER B 122 5.65 9.48 3.80
CA SER B 122 5.91 10.61 4.67
C SER B 122 5.70 11.87 3.87
N LEU B 123 5.52 13.01 4.55
CA LEU B 123 5.33 14.28 3.88
C LEU B 123 6.69 14.85 3.46
N THR B 124 6.81 15.29 2.21
CA THR B 124 8.09 15.83 1.75
C THR B 124 7.94 17.08 0.90
N LEU B 125 9.05 17.81 0.76
CA LEU B 125 9.07 19.05 -0.01
C LEU B 125 9.33 18.79 -1.49
N LYS B 126 8.83 19.70 -2.32
CA LYS B 126 9.17 19.69 -3.74
C LYS B 126 8.53 18.51 -4.46
N GLY C 1 0.94 -20.13 -18.85
CA GLY C 1 0.74 -18.96 -18.03
C GLY C 1 1.46 -17.73 -18.56
N ALA C 2 0.70 -16.73 -19.00
CA ALA C 2 -0.75 -16.80 -18.99
C ALA C 2 -1.41 -15.59 -19.65
N MET C 3 -2.65 -15.77 -20.07
CA MET C 3 -3.51 -14.67 -20.50
C MET C 3 -4.35 -14.25 -19.29
N ALA C 4 -5.45 -13.54 -19.54
CA ALA C 4 -6.37 -13.17 -18.46
C ALA C 4 -7.46 -14.21 -18.28
N PRO C 5 -7.96 -14.37 -17.03
CA PRO C 5 -9.04 -15.34 -16.81
C PRO C 5 -10.19 -15.08 -17.75
N PRO C 6 -10.77 -16.15 -18.33
CA PRO C 6 -11.80 -16.02 -19.35
C PRO C 6 -13.12 -15.45 -18.81
N THR C 7 -13.29 -15.39 -17.49
CA THR C 7 -14.55 -14.93 -16.91
C THR C 7 -14.42 -13.64 -16.12
N LEU C 8 -15.28 -12.68 -16.44
CA LEU C 8 -15.33 -11.41 -15.73
C LEU C 8 -16.26 -11.53 -14.53
N PRO C 9 -15.83 -11.00 -13.37
CA PRO C 9 -16.66 -10.99 -12.17
C PRO C 9 -17.97 -10.24 -12.41
N PRO C 10 -19.07 -10.75 -11.85
CA PRO C 10 -20.45 -10.32 -12.14
C PRO C 10 -20.82 -8.99 -11.50
N TYR C 11 -20.08 -8.59 -10.46
CA TYR C 11 -20.42 -7.39 -9.73
C TYR C 11 -20.10 -6.11 -10.51
N PHE C 12 -19.78 -6.27 -11.79
CA PHE C 12 -19.47 -5.11 -12.60
C PHE C 12 -20.71 -4.48 -13.22
N MET C 13 -21.79 -5.26 -13.31
CA MET C 13 -23.04 -4.78 -13.87
C MET C 13 -23.53 -3.56 -13.08
N LYS C 14 -23.44 -2.38 -13.68
CA LYS C 14 -23.87 -1.16 -12.99
C LYS C 14 -25.21 -1.37 -12.29
N GLY C 15 -25.28 -0.90 -11.05
CA GLY C 15 -26.47 -1.13 -10.23
C GLY C 15 -26.10 -2.06 -9.10
N SER C 16 -25.14 -2.93 -9.34
CA SER C 16 -24.66 -3.85 -8.32
C SER C 16 -24.10 -3.07 -7.13
N ILE C 17 -24.20 -3.67 -5.96
CA ILE C 17 -23.82 -2.99 -4.72
C ILE C 17 -22.66 -3.67 -4.03
N ILE C 18 -21.63 -2.90 -3.73
CA ILE C 18 -20.45 -3.40 -3.06
C ILE C 18 -20.54 -3.19 -1.55
N GLN C 19 -20.13 -4.19 -0.80
CA GLN C 19 -20.09 -4.12 0.66
C GLN C 19 -18.76 -3.54 1.14
N LEU C 20 -18.79 -2.28 1.57
CA LEU C 20 -17.58 -1.63 2.07
C LEU C 20 -17.19 -2.10 3.46
N ALA C 21 -15.89 -2.17 3.73
CA ALA C 21 -15.37 -2.73 4.96
C ALA C 21 -15.97 -2.13 6.24
N ASN C 22 -16.19 -0.82 6.24
CA ASN C 22 -16.74 -0.17 7.42
C ASN C 22 -18.26 -0.22 7.48
N GLY C 23 -18.83 -1.32 7.00
CA GLY C 23 -20.26 -1.57 7.12
C GLY C 23 -21.09 -0.98 6.00
N GLU C 24 -20.71 0.20 5.54
CA GLU C 24 -21.50 0.92 4.56
C GLU C 24 -21.48 0.25 3.18
N LEU C 25 -22.40 0.69 2.32
CA LEU C 25 -22.55 0.11 1.00
C LEU C 25 -22.39 1.18 -0.07
N LYS C 26 -22.22 0.75 -1.31
CA LYS C 26 -21.92 1.67 -2.40
C LYS C 26 -22.15 0.98 -3.74
N LYS C 27 -22.89 1.64 -4.62
CA LYS C 27 -23.07 1.12 -5.97
C LYS C 27 -21.71 1.04 -6.65
N VAL C 28 -21.53 0.04 -7.49
CA VAL C 28 -20.21 -0.26 -8.04
C VAL C 28 -19.65 0.93 -8.83
N GLU C 29 -20.52 1.66 -9.49
CA GLU C 29 -20.09 2.79 -10.30
C GLU C 29 -19.58 3.96 -9.46
N ASP C 30 -19.99 4.03 -8.20
CA ASP C 30 -19.60 5.15 -7.34
C ASP C 30 -18.33 4.84 -6.56
N LEU C 31 -17.80 3.65 -6.74
CA LEU C 31 -16.62 3.21 -6.00
C LEU C 31 -15.47 4.20 -6.19
N LYS C 32 -14.79 4.55 -5.10
CA LYS C 32 -13.70 5.50 -5.16
C LYS C 32 -12.39 4.92 -4.63
N THR C 33 -11.27 5.53 -5.03
CA THR C 33 -9.95 5.14 -4.58
C THR C 33 -9.91 5.01 -3.06
N GLU C 34 -10.42 6.03 -2.37
CA GLU C 34 -10.47 6.06 -0.91
C GLU C 34 -11.05 4.77 -0.32
N ASP C 35 -11.95 4.13 -1.04
CA ASP C 35 -12.61 2.93 -0.56
C ASP C 35 -11.67 1.73 -0.46
N PHE C 36 -10.78 1.59 -1.43
CA PHE C 36 -9.76 0.55 -1.36
C PHE C 36 -8.85 0.81 -0.17
N ILE C 37 -8.42 2.05 -0.04
CA ILE C 37 -7.56 2.45 1.06
C ILE C 37 -8.12 2.06 2.42
N GLN C 38 -9.38 2.42 2.68
CA GLN C 38 -9.98 2.17 3.98
C GLN C 38 -10.16 0.68 4.25
N SER C 39 -10.63 -0.06 3.24
CA SER C 39 -10.80 -1.50 3.37
C SER C 39 -9.51 -2.21 3.74
N ALA C 40 -8.41 -1.78 3.14
CA ALA C 40 -7.11 -2.36 3.45
C ALA C 40 -6.69 -2.02 4.87
N GLU C 41 -6.96 -0.78 5.28
CA GLU C 41 -6.57 -0.32 6.60
C GLU C 41 -7.24 -1.10 7.73
N ILE C 42 -8.56 -1.19 7.69
CA ILE C 42 -9.31 -1.78 8.80
C ILE C 42 -9.21 -3.31 8.83
N SER C 43 -8.89 -3.91 7.70
CA SER C 43 -8.85 -5.36 7.60
C SER C 43 -7.48 -5.93 7.91
N ASN C 44 -7.43 -6.88 8.83
CA ASN C 44 -6.19 -7.61 9.07
C ASN C 44 -5.92 -8.62 7.96
N ASP C 45 -6.98 -8.96 7.23
CA ASP C 45 -6.90 -9.96 6.17
C ASP C 45 -6.29 -9.41 4.89
N LEU C 46 -6.63 -8.16 4.55
CA LEU C 46 -6.31 -7.62 3.23
C LEU C 46 -5.26 -6.51 3.24
N LYS C 47 -4.72 -6.23 2.06
CA LYS C 47 -3.88 -5.07 1.85
C LYS C 47 -4.14 -4.50 0.46
N ILE C 48 -3.27 -3.59 0.00
CA ILE C 48 -3.45 -2.99 -1.32
C ILE C 48 -2.34 -3.41 -2.28
N ASP C 49 -2.75 -3.94 -3.43
CA ASP C 49 -1.80 -4.32 -4.46
C ASP C 49 -1.77 -3.21 -5.51
N SER C 50 -0.57 -2.89 -5.98
CA SER C 50 -0.39 -1.84 -6.97
C SER C 50 0.40 -2.36 -8.16
N SER C 51 -0.07 -2.06 -9.35
CA SER C 51 0.70 -2.36 -10.56
C SER C 51 0.51 -1.22 -11.55
N THR C 52 1.61 -0.80 -12.16
CA THR C 52 1.60 0.30 -13.08
C THR C 52 1.61 -0.22 -14.50
N VAL C 53 0.88 0.46 -15.38
CA VAL C 53 0.82 0.05 -16.78
C VAL C 53 2.06 0.54 -17.52
N GLU C 54 2.86 -0.40 -18.02
CA GLU C 54 4.08 -0.06 -18.74
C GLU C 54 3.86 0.04 -20.24
N ARG C 55 2.91 -0.73 -20.77
CA ARG C 55 2.71 -0.82 -22.21
C ARG C 55 1.34 -1.38 -22.57
N ILE C 56 0.73 -0.85 -23.62
CA ILE C 56 -0.56 -1.34 -24.09
C ILE C 56 -0.52 -1.51 -25.61
N GLU C 57 -0.55 -2.74 -26.08
CA GLU C 57 -0.47 -2.98 -27.52
C GLU C 57 -1.54 -3.95 -28.00
N ASP C 58 -1.78 -3.94 -29.30
CA ASP C 58 -2.75 -4.87 -29.90
C ASP C 58 -2.26 -6.29 -29.83
N SER C 59 -3.21 -7.21 -29.64
CA SER C 59 -2.91 -8.63 -29.69
C SER C 59 -3.09 -9.13 -31.11
N HIS C 60 -2.70 -10.39 -31.34
CA HIS C 60 -2.96 -11.02 -32.63
C HIS C 60 -4.45 -11.29 -32.79
N SER C 61 -5.17 -11.29 -31.68
CA SER C 61 -6.61 -11.47 -31.69
C SER C 61 -7.31 -10.13 -31.48
N PRO C 62 -8.16 -9.73 -32.43
CA PRO C 62 -8.92 -8.49 -32.30
C PRO C 62 -9.79 -8.53 -31.06
N GLY C 63 -9.97 -7.38 -30.41
CA GLY C 63 -10.75 -7.32 -29.19
C GLY C 63 -9.92 -7.62 -27.97
N VAL C 64 -8.65 -7.95 -28.17
CA VAL C 64 -7.75 -8.25 -27.07
C VAL C 64 -6.50 -7.38 -27.07
N ALA C 65 -6.21 -6.77 -25.92
CA ALA C 65 -4.98 -6.00 -25.76
C ALA C 65 -3.96 -6.78 -24.93
N VAL C 66 -2.69 -6.64 -25.29
CA VAL C 66 -1.62 -7.17 -24.46
C VAL C 66 -1.10 -6.06 -23.56
N ILE C 67 -1.39 -6.17 -22.27
CA ILE C 67 -0.96 -5.15 -21.32
C ILE C 67 0.24 -5.60 -20.50
N GLN C 68 1.24 -4.74 -20.42
CA GLN C 68 2.48 -5.03 -19.70
C GLN C 68 2.51 -4.29 -18.36
N PHE C 69 2.59 -5.05 -17.27
CA PHE C 69 2.56 -4.49 -15.92
C PHE C 69 3.90 -4.51 -15.21
N ALA C 70 4.17 -3.44 -14.47
CA ALA C 70 5.28 -3.41 -13.52
C ALA C 70 4.72 -3.84 -12.17
N VAL C 71 4.89 -5.11 -11.83
CA VAL C 71 4.24 -5.67 -10.65
C VAL C 71 5.13 -5.76 -9.40
N GLY C 72 4.57 -5.34 -8.28
CA GLY C 72 5.24 -5.45 -6.99
C GLY C 72 6.51 -4.64 -6.88
N GLU C 73 7.37 -5.00 -5.93
CA GLU C 73 8.66 -4.36 -5.79
C GLU C 73 9.65 -4.98 -6.77
N HIS C 74 10.76 -4.29 -7.01
CA HIS C 74 11.70 -4.68 -8.07
C HIS C 74 11.07 -4.34 -9.42
N ARG C 75 9.77 -4.07 -9.40
CA ARG C 75 9.01 -3.74 -10.60
C ARG C 75 9.29 -4.70 -11.76
N ALA C 76 8.90 -5.96 -11.58
CA ALA C 76 9.06 -6.97 -12.61
C ALA C 76 8.10 -6.70 -13.77
N GLN C 77 8.37 -7.32 -14.91
CA GLN C 77 7.55 -7.09 -16.09
C GLN C 77 6.67 -8.30 -16.38
N VAL C 78 5.36 -8.10 -16.31
CA VAL C 78 4.41 -9.17 -16.64
C VAL C 78 3.44 -8.70 -17.71
N SER C 79 3.42 -9.40 -18.84
CA SER C 79 2.48 -9.09 -19.91
C SER C 79 1.29 -10.04 -19.86
N VAL C 80 0.08 -9.48 -19.85
CA VAL C 80 -1.12 -10.30 -19.86
C VAL C 80 -2.08 -9.85 -20.95
N GLU C 81 -2.68 -10.82 -21.63
CA GLU C 81 -3.67 -10.53 -22.66
C GLU C 81 -5.04 -10.44 -22.04
N VAL C 82 -5.70 -9.30 -22.21
CA VAL C 82 -7.03 -9.10 -21.65
C VAL C 82 -7.98 -8.55 -22.71
N LEU C 83 -9.27 -8.80 -22.53
CA LEU C 83 -10.26 -8.20 -23.40
C LEU C 83 -10.21 -6.69 -23.24
N VAL C 84 -10.29 -5.97 -24.35
CA VAL C 84 -10.21 -4.52 -24.32
C VAL C 84 -11.22 -3.86 -23.38
N GLU C 85 -12.38 -4.47 -23.22
CA GLU C 85 -13.44 -3.86 -22.40
C GLU C 85 -13.22 -4.09 -20.91
N TYR C 86 -12.32 -5.00 -20.56
CA TYR C 86 -12.06 -5.30 -19.15
C TYR C 86 -11.73 -4.05 -18.37
N PRO C 87 -12.44 -3.83 -17.25
CA PRO C 87 -12.28 -2.63 -16.42
C PRO C 87 -11.25 -2.81 -15.30
N PHE C 88 -10.33 -1.87 -15.19
CA PHE C 88 -9.39 -1.82 -14.07
C PHE C 88 -9.77 -0.63 -13.21
N PHE C 89 -9.31 -0.62 -11.95
CA PHE C 89 -9.52 0.57 -11.13
C PHE C 89 -8.20 1.31 -10.98
N VAL C 90 -8.11 2.47 -11.62
CA VAL C 90 -6.90 3.27 -11.58
C VAL C 90 -6.87 4.25 -10.41
N PHE C 91 -5.73 4.30 -9.73
CA PHE C 91 -5.54 5.18 -8.59
C PHE C 91 -5.89 6.62 -8.97
N GLY C 92 -6.81 7.22 -8.21
CA GLY C 92 -7.19 8.60 -8.42
C GLY C 92 -7.78 8.84 -9.80
N GLN C 93 -8.34 7.80 -10.40
CA GLN C 93 -9.00 7.94 -11.68
C GLN C 93 -10.32 7.19 -11.73
N GLY C 94 -10.31 5.95 -11.24
CA GLY C 94 -11.50 5.13 -11.21
C GLY C 94 -11.47 4.02 -12.22
N TRP C 95 -12.64 3.56 -12.64
CA TRP C 95 -12.72 2.47 -13.60
C TRP C 95 -12.12 2.88 -14.94
N SER C 96 -11.25 2.03 -15.47
CA SER C 96 -10.61 2.32 -16.74
C SER C 96 -10.45 1.04 -17.54
N SER C 97 -10.43 1.18 -18.86
CA SER C 97 -10.29 0.04 -19.74
C SER C 97 -9.73 0.49 -21.08
N CYS C 98 -9.12 -0.44 -21.80
CA CYS C 98 -8.56 -0.15 -23.11
C CYS C 98 -9.63 0.29 -24.09
N CYS C 99 -10.86 -0.17 -23.87
CA CYS C 99 -11.97 0.21 -24.75
C CYS C 99 -13.21 0.60 -23.95
N PRO C 100 -13.23 1.82 -23.41
CA PRO C 100 -14.30 2.33 -22.55
C PRO C 100 -15.68 2.19 -23.17
N GLU C 101 -15.78 2.36 -24.48
CA GLU C 101 -17.06 2.28 -25.19
C GLU C 101 -17.70 0.91 -25.03
N ARG C 102 -16.93 -0.15 -25.26
CA ARG C 102 -17.44 -1.50 -25.08
C ARG C 102 -17.79 -1.75 -23.62
N THR C 103 -16.98 -1.22 -22.73
CA THR C 103 -17.20 -1.39 -21.31
C THR C 103 -18.59 -0.90 -20.93
N SER C 104 -19.02 0.20 -21.52
CA SER C 104 -20.33 0.76 -21.24
C SER C 104 -21.44 -0.09 -21.86
N GLN C 105 -21.22 -0.55 -23.09
CA GLN C 105 -22.18 -1.41 -23.76
C GLN C 105 -22.50 -2.64 -22.92
N LEU C 106 -21.53 -3.06 -22.11
CA LEU C 106 -21.63 -4.32 -21.37
C LEU C 106 -22.03 -4.13 -19.91
N PHE C 107 -21.61 -3.01 -19.33
CA PHE C 107 -21.80 -2.77 -17.91
C PHE C 107 -22.52 -1.46 -17.64
N ASP C 108 -22.63 -0.63 -18.67
CA ASP C 108 -23.16 0.72 -18.50
C ASP C 108 -22.32 1.45 -17.47
N LEU C 109 -21.06 1.05 -17.41
CA LEU C 109 -20.12 1.61 -16.43
C LEU C 109 -19.25 2.67 -17.09
N PRO C 110 -19.29 3.89 -16.56
CA PRO C 110 -18.45 4.98 -17.08
C PRO C 110 -16.97 4.68 -16.88
N CYS C 111 -16.22 4.52 -17.97
CA CYS C 111 -14.79 4.23 -17.89
C CYS C 111 -13.92 5.35 -18.45
N SER C 112 -12.71 5.47 -17.89
CA SER C 112 -11.67 6.31 -18.48
C SER C 112 -10.77 5.44 -19.34
N LYS C 113 -10.03 6.06 -20.25
CA LYS C 113 -9.09 5.33 -21.08
C LYS C 113 -7.88 4.89 -20.25
N LEU C 114 -7.62 3.59 -20.21
CA LEU C 114 -6.43 3.07 -19.55
C LEU C 114 -5.17 3.52 -20.29
N SER C 115 -4.28 4.21 -19.58
CA SER C 115 -3.05 4.72 -20.17
C SER C 115 -1.78 4.24 -19.44
N VAL C 116 -0.68 4.21 -20.19
CA VAL C 116 0.62 3.92 -19.61
C VAL C 116 0.87 4.86 -18.43
N GLY C 117 1.38 4.32 -17.33
CA GLY C 117 1.61 5.11 -16.15
C GLY C 117 0.47 5.06 -15.15
N ASP C 118 -0.66 4.49 -15.55
CA ASP C 118 -1.78 4.30 -14.64
C ASP C 118 -1.44 3.25 -13.60
N VAL C 119 -1.77 3.55 -12.35
CA VAL C 119 -1.55 2.61 -11.26
C VAL C 119 -2.83 1.83 -11.01
N CYS C 120 -2.84 0.56 -11.39
CA CYS C 120 -4.01 -0.28 -11.15
C CYS C 120 -3.94 -0.90 -9.76
N ILE C 121 -4.98 -0.64 -8.96
CA ILE C 121 -5.01 -1.09 -7.57
C ILE C 121 -6.03 -2.20 -7.36
N SER C 122 -5.73 -3.06 -6.41
CA SER C 122 -6.56 -4.22 -6.14
C SER C 122 -6.46 -4.56 -4.66
N LEU C 123 -7.45 -5.30 -4.15
CA LEU C 123 -7.38 -5.79 -2.78
C LEU C 123 -6.77 -7.18 -2.79
N THR C 124 -5.69 -7.36 -2.05
CA THR C 124 -5.05 -8.67 -1.98
C THR C 124 -4.78 -9.07 -0.54
N LEU C 125 -4.45 -10.35 -0.35
CA LEU C 125 -4.24 -10.90 0.98
C LEU C 125 -2.94 -10.40 1.63
N LYS C 126 -3.04 -10.03 2.90
CA LYS C 126 -1.90 -9.52 3.66
C LYS C 126 -1.02 -10.64 4.21
N ALA D 2 3.55 -8.89 -6.90
CA ALA D 2 3.96 -10.25 -7.17
C ALA D 2 3.29 -10.84 -8.41
N MET D 3 1.98 -10.59 -8.56
CA MET D 3 1.22 -11.09 -9.71
C MET D 3 0.37 -10.00 -10.36
N ALA D 4 0.12 -10.14 -11.66
CA ALA D 4 -0.67 -9.16 -12.41
C ALA D 4 -2.10 -9.10 -11.92
N PRO D 5 -2.73 -7.93 -12.04
CA PRO D 5 -4.08 -7.65 -11.51
C PRO D 5 -5.16 -8.67 -11.89
N PRO D 6 -5.29 -8.99 -13.19
CA PRO D 6 -6.26 -9.98 -13.65
C PRO D 6 -6.19 -11.31 -12.89
N THR D 7 -4.98 -11.66 -12.46
CA THR D 7 -4.74 -12.88 -11.70
C THR D 7 -5.40 -12.84 -10.33
N LEU D 8 -5.49 -11.65 -9.75
CA LEU D 8 -5.96 -11.50 -8.38
C LEU D 8 -7.49 -11.64 -8.28
N PRO D 9 -7.95 -12.48 -7.34
CA PRO D 9 -9.38 -12.64 -7.06
C PRO D 9 -10.03 -11.30 -6.69
N PRO D 10 -11.29 -11.11 -7.11
CA PRO D 10 -12.08 -9.91 -6.81
C PRO D 10 -12.63 -9.97 -5.38
N TYR D 11 -11.89 -9.51 -4.39
CA TYR D 11 -12.36 -9.63 -3.01
C TYR D 11 -13.45 -8.61 -2.70
N PHE D 12 -13.67 -7.67 -3.61
CA PHE D 12 -14.73 -6.68 -3.43
C PHE D 12 -16.10 -7.25 -3.78
N MET D 13 -16.12 -8.52 -4.19
CA MET D 13 -17.40 -9.15 -4.49
C MET D 13 -17.89 -10.01 -3.33
N LYS D 14 -17.11 -10.06 -2.27
CA LYS D 14 -17.53 -10.76 -1.04
C LYS D 14 -18.60 -9.94 -0.32
N GLY D 15 -19.82 -10.47 -0.33
CA GLY D 15 -20.95 -9.78 0.29
C GLY D 15 -21.63 -8.78 -0.63
N SER D 16 -21.31 -8.84 -1.92
CA SER D 16 -21.86 -7.92 -2.90
C SER D 16 -23.29 -8.26 -3.28
N ILE D 17 -23.97 -7.29 -3.90
CA ILE D 17 -25.32 -7.48 -4.41
C ILE D 17 -25.33 -7.23 -5.91
N ILE D 18 -25.79 -8.22 -6.65
CA ILE D 18 -25.62 -8.25 -8.08
C ILE D 18 -26.88 -7.76 -8.79
N GLN D 19 -26.70 -6.80 -9.69
CA GLN D 19 -27.81 -6.27 -10.47
C GLN D 19 -27.93 -6.99 -11.81
N LEU D 20 -28.82 -7.97 -11.87
CA LEU D 20 -29.03 -8.73 -13.10
C LEU D 20 -29.64 -7.89 -14.22
N ALA D 21 -29.66 -8.43 -15.43
CA ALA D 21 -30.19 -7.74 -16.60
C ALA D 21 -31.72 -7.76 -16.63
N ASN D 22 -32.32 -8.52 -15.72
CA ASN D 22 -33.77 -8.57 -15.61
C ASN D 22 -34.30 -7.68 -14.47
N GLY D 23 -33.53 -6.67 -14.12
CA GLY D 23 -33.92 -5.72 -13.09
C GLY D 23 -34.04 -6.33 -11.71
N GLU D 24 -33.49 -7.53 -11.55
CA GLU D 24 -33.51 -8.20 -10.25
C GLU D 24 -32.20 -8.03 -9.50
N LEU D 25 -32.24 -8.30 -8.20
CA LEU D 25 -31.08 -8.17 -7.34
C LEU D 25 -30.85 -9.49 -6.60
N LYS D 26 -29.60 -9.92 -6.53
CA LYS D 26 -29.29 -11.18 -5.84
C LYS D 26 -27.97 -11.12 -5.07
N LYS D 27 -27.97 -11.61 -3.84
CA LYS D 27 -26.74 -11.77 -3.10
C LYS D 27 -25.84 -12.72 -3.87
N VAL D 28 -24.54 -12.42 -3.88
CA VAL D 28 -23.62 -13.09 -4.78
C VAL D 28 -23.55 -14.60 -4.55
N GLU D 29 -23.82 -15.05 -3.34
CA GLU D 29 -23.77 -16.48 -3.04
C GLU D 29 -25.05 -17.20 -3.42
N ASP D 30 -26.08 -16.42 -3.76
CA ASP D 30 -27.37 -16.99 -4.18
C ASP D 30 -27.50 -16.98 -5.69
N LEU D 31 -26.45 -16.54 -6.38
CA LEU D 31 -26.42 -16.55 -7.83
C LEU D 31 -26.61 -17.97 -8.35
N LYS D 32 -27.55 -18.14 -9.27
CA LYS D 32 -27.84 -19.46 -9.82
C LYS D 32 -27.59 -19.50 -11.32
N THR D 33 -27.18 -20.67 -11.80
CA THR D 33 -26.96 -20.88 -13.23
C THR D 33 -28.05 -20.21 -14.06
N GLU D 34 -29.29 -20.44 -13.68
CA GLU D 34 -30.44 -19.92 -14.43
C GLU D 34 -30.45 -18.39 -14.49
N ASP D 35 -29.96 -17.75 -13.44
CA ASP D 35 -29.88 -16.29 -13.42
C ASP D 35 -29.07 -15.75 -14.59
N PHE D 36 -28.07 -16.51 -15.01
CA PHE D 36 -27.27 -16.15 -16.17
C PHE D 36 -28.07 -16.36 -17.45
N ILE D 37 -28.65 -17.55 -17.59
CA ILE D 37 -29.45 -17.87 -18.75
C ILE D 37 -30.50 -16.78 -19.04
N GLN D 38 -31.31 -16.46 -18.03
CA GLN D 38 -32.35 -15.45 -18.16
C GLN D 38 -31.81 -14.13 -18.73
N SER D 39 -30.73 -13.65 -18.14
CA SER D 39 -30.15 -12.36 -18.55
C SER D 39 -29.67 -12.39 -19.99
N ALA D 40 -29.19 -13.55 -20.44
CA ALA D 40 -28.73 -13.70 -21.82
C ALA D 40 -29.91 -13.75 -22.79
N GLU D 41 -30.98 -14.44 -22.40
CA GLU D 41 -32.19 -14.51 -23.21
C GLU D 41 -32.90 -13.16 -23.28
N ILE D 42 -32.85 -12.42 -22.18
CA ILE D 42 -33.51 -11.12 -22.09
C ILE D 42 -32.74 -10.03 -22.83
N SER D 43 -31.42 -10.01 -22.63
CA SER D 43 -30.59 -8.98 -23.23
C SER D 43 -30.35 -9.23 -24.72
N ASN D 44 -30.60 -8.23 -25.54
CA ASN D 44 -30.43 -8.37 -26.97
C ASN D 44 -28.97 -8.27 -27.42
N ASP D 45 -28.16 -7.54 -26.65
CA ASP D 45 -26.75 -7.34 -26.99
C ASP D 45 -25.83 -8.31 -26.25
N LEU D 46 -26.38 -9.04 -25.30
CA LEU D 46 -25.59 -9.95 -24.47
C LEU D 46 -25.76 -11.41 -24.87
N LYS D 47 -24.81 -12.23 -24.43
CA LYS D 47 -24.84 -13.66 -24.69
C LYS D 47 -24.15 -14.40 -23.57
N ILE D 48 -24.51 -15.66 -23.37
CA ILE D 48 -23.83 -16.52 -22.42
C ILE D 48 -22.54 -17.00 -23.05
N ASP D 49 -21.42 -16.71 -22.41
CA ASP D 49 -20.13 -17.18 -22.91
C ASP D 49 -19.63 -18.34 -22.06
N SER D 50 -19.17 -19.39 -22.72
CA SER D 50 -18.69 -20.59 -22.02
C SER D 50 -17.18 -20.77 -22.18
N SER D 51 -16.55 -21.26 -21.12
CA SER D 51 -15.15 -21.63 -21.15
C SER D 51 -14.93 -22.95 -20.41
N THR D 52 -14.48 -23.96 -21.14
CA THR D 52 -14.33 -25.29 -20.57
C THR D 52 -12.93 -25.53 -20.02
N VAL D 53 -12.87 -25.94 -18.76
CA VAL D 53 -11.60 -26.29 -18.13
C VAL D 53 -11.04 -27.57 -18.72
N GLU D 54 -9.83 -27.49 -19.28
CA GLU D 54 -9.20 -28.63 -19.93
C GLU D 54 -8.11 -29.27 -19.07
N ARG D 55 -7.46 -28.47 -18.24
CA ARG D 55 -6.35 -28.96 -17.42
C ARG D 55 -6.12 -28.05 -16.23
N ILE D 56 -5.65 -28.64 -15.13
CA ILE D 56 -5.35 -27.90 -13.91
C ILE D 56 -4.01 -28.32 -13.34
N GLU D 57 -3.01 -27.44 -13.44
CA GLU D 57 -1.64 -27.74 -13.03
C GLU D 57 -1.13 -26.74 -12.00
N ASP D 58 -0.10 -27.14 -11.26
CA ASP D 58 0.53 -26.26 -10.29
C ASP D 58 1.44 -25.28 -11.01
N SER D 59 1.70 -24.14 -10.38
CA SER D 59 2.61 -23.16 -10.94
C SER D 59 3.97 -23.28 -10.28
N HIS D 60 4.95 -22.54 -10.81
CA HIS D 60 6.26 -22.48 -10.16
C HIS D 60 6.13 -21.81 -8.80
N SER D 61 5.17 -20.91 -8.68
CA SER D 61 4.83 -20.31 -7.40
C SER D 61 3.63 -21.03 -6.80
N PRO D 62 3.66 -21.29 -5.48
CA PRO D 62 2.58 -22.03 -4.83
C PRO D 62 1.41 -21.13 -4.47
N GLY D 63 0.24 -21.72 -4.26
CA GLY D 63 -0.97 -20.96 -4.05
C GLY D 63 -1.47 -20.47 -5.39
N VAL D 64 -0.69 -20.77 -6.43
CA VAL D 64 -1.06 -20.37 -7.78
C VAL D 64 -1.22 -21.59 -8.67
N ALA D 65 -2.29 -21.62 -9.44
CA ALA D 65 -2.54 -22.74 -10.34
C ALA D 65 -2.49 -22.34 -11.81
N VAL D 66 -2.14 -23.32 -12.65
CA VAL D 66 -2.13 -23.15 -14.09
C VAL D 66 -3.30 -23.91 -14.69
N ILE D 67 -4.27 -23.17 -15.23
CA ILE D 67 -5.45 -23.77 -15.82
C ILE D 67 -5.46 -23.51 -17.31
N GLN D 68 -5.91 -24.50 -18.08
CA GLN D 68 -6.10 -24.30 -19.52
C GLN D 68 -7.56 -24.42 -19.90
N PHE D 69 -8.09 -23.38 -20.54
CA PHE D 69 -9.49 -23.36 -20.96
C PHE D 69 -9.62 -23.50 -22.48
N ALA D 70 -10.79 -23.94 -22.93
CA ALA D 70 -11.16 -23.80 -24.33
C ALA D 70 -12.17 -22.66 -24.40
N VAL D 71 -11.75 -21.53 -24.97
CA VAL D 71 -12.52 -20.30 -24.86
C VAL D 71 -13.31 -19.90 -26.10
N GLY D 72 -14.51 -19.39 -25.88
CA GLY D 72 -15.29 -18.74 -26.92
C GLY D 72 -15.98 -19.65 -27.92
N GLU D 73 -16.50 -19.02 -28.98
CA GLU D 73 -17.24 -19.72 -30.02
C GLU D 73 -16.33 -20.54 -30.93
N HIS D 74 -15.03 -20.42 -30.73
CA HIS D 74 -14.08 -21.17 -31.54
C HIS D 74 -13.19 -22.07 -30.68
N ARG D 75 -13.45 -22.05 -29.37
CA ARG D 75 -12.69 -22.88 -28.43
C ARG D 75 -11.19 -22.64 -28.54
N ALA D 76 -10.78 -21.39 -28.37
CA ALA D 76 -9.37 -21.05 -28.38
C ALA D 76 -8.69 -21.54 -27.10
N GLN D 77 -7.59 -22.26 -27.27
CA GLN D 77 -6.82 -22.76 -26.13
C GLN D 77 -6.10 -21.62 -25.41
N VAL D 78 -6.41 -21.43 -24.13
CA VAL D 78 -5.77 -20.37 -23.34
C VAL D 78 -5.23 -20.91 -22.03
N SER D 79 -4.01 -20.48 -21.68
CA SER D 79 -3.40 -20.85 -20.42
C SER D 79 -3.63 -19.72 -19.42
N VAL D 80 -4.04 -20.06 -18.20
CA VAL D 80 -4.37 -19.07 -17.20
C VAL D 80 -3.76 -19.39 -15.83
N GLU D 81 -3.04 -18.43 -15.27
CA GLU D 81 -2.54 -18.55 -13.90
C GLU D 81 -3.42 -17.72 -12.99
N VAL D 82 -4.01 -18.36 -12.00
CA VAL D 82 -4.76 -17.67 -10.97
C VAL D 82 -4.41 -18.24 -9.61
N LEU D 83 -4.55 -17.43 -8.58
CA LEU D 83 -4.43 -17.94 -7.22
C LEU D 83 -5.45 -19.06 -7.07
N VAL D 84 -5.15 -20.03 -6.21
CA VAL D 84 -5.97 -21.23 -6.10
C VAL D 84 -7.39 -20.95 -5.63
N GLU D 85 -7.62 -19.76 -5.10
CA GLU D 85 -8.91 -19.44 -4.51
C GLU D 85 -9.76 -18.59 -5.44
N TYR D 86 -9.26 -18.35 -6.65
CA TYR D 86 -10.02 -17.59 -7.63
C TYR D 86 -11.33 -18.33 -7.92
N PRO D 87 -12.47 -17.65 -7.73
CA PRO D 87 -13.79 -18.25 -7.90
C PRO D 87 -14.33 -18.11 -9.32
N PHE D 88 -14.63 -19.23 -9.96
CA PHE D 88 -15.32 -19.23 -11.25
C PHE D 88 -16.72 -19.78 -11.07
N PHE D 89 -17.66 -19.35 -11.91
CA PHE D 89 -19.01 -19.87 -11.80
C PHE D 89 -19.24 -20.98 -12.82
N VAL D 90 -19.36 -22.20 -12.32
CA VAL D 90 -19.54 -23.37 -13.17
C VAL D 90 -21.02 -23.65 -13.45
N PHE D 91 -21.30 -24.05 -14.68
CA PHE D 91 -22.66 -24.35 -15.08
C PHE D 91 -23.22 -25.54 -14.29
N GLY D 92 -24.44 -25.40 -13.80
CA GLY D 92 -25.06 -26.43 -12.99
C GLY D 92 -24.17 -26.89 -11.85
N GLN D 93 -23.54 -25.92 -11.18
CA GLN D 93 -22.66 -26.22 -10.07
C GLN D 93 -22.50 -25.02 -9.13
N GLY D 94 -22.24 -23.86 -9.69
CA GLY D 94 -22.10 -22.65 -8.90
C GLY D 94 -20.66 -22.21 -8.75
N TRP D 95 -20.37 -21.51 -7.67
CA TRP D 95 -19.01 -21.02 -7.42
C TRP D 95 -18.05 -22.17 -7.17
N SER D 96 -16.96 -22.18 -7.92
CA SER D 96 -15.97 -23.25 -7.81
C SER D 96 -14.57 -22.66 -7.80
N SER D 97 -13.59 -23.46 -7.38
CA SER D 97 -12.21 -23.01 -7.39
C SER D 97 -11.31 -24.20 -7.11
N CYS D 98 -10.01 -23.95 -7.14
CA CYS D 98 -9.04 -25.02 -6.98
C CYS D 98 -8.80 -25.29 -5.51
N CYS D 99 -9.08 -24.30 -4.68
CA CYS D 99 -9.00 -24.43 -3.24
C CYS D 99 -10.29 -23.94 -2.62
N PRO D 100 -11.36 -24.74 -2.74
CA PRO D 100 -12.71 -24.38 -2.31
C PRO D 100 -12.76 -23.95 -0.85
N GLU D 101 -12.09 -24.71 0.01
CA GLU D 101 -12.10 -24.40 1.43
C GLU D 101 -11.58 -22.99 1.68
N ARG D 102 -10.48 -22.65 1.02
CA ARG D 102 -9.86 -21.35 1.17
C ARG D 102 -10.77 -20.27 0.60
N THR D 103 -11.35 -20.57 -0.56
CA THR D 103 -12.27 -19.65 -1.22
C THR D 103 -13.46 -19.33 -0.33
N SER D 104 -14.06 -20.37 0.23
CA SER D 104 -15.25 -20.22 1.08
C SER D 104 -15.02 -19.30 2.27
N GLN D 105 -13.86 -19.44 2.91
CA GLN D 105 -13.58 -18.64 4.11
C GLN D 105 -13.08 -17.24 3.75
N LEU D 106 -12.80 -17.02 2.47
CA LEU D 106 -12.33 -15.73 1.99
C LEU D 106 -13.44 -14.90 1.36
N PHE D 107 -14.40 -15.58 0.74
CA PHE D 107 -15.52 -14.90 0.11
C PHE D 107 -16.81 -15.20 0.83
N ASP D 108 -16.72 -16.06 1.84
CA ASP D 108 -17.88 -16.45 2.65
C ASP D 108 -19.05 -16.88 1.77
N LEU D 109 -18.84 -17.93 0.99
CA LEU D 109 -19.90 -18.47 0.14
C LEU D 109 -19.61 -19.92 -0.26
N PRO D 110 -20.66 -20.71 -0.46
CA PRO D 110 -20.55 -22.09 -0.95
C PRO D 110 -19.59 -22.17 -2.12
N CYS D 111 -18.64 -23.09 -2.07
CA CYS D 111 -17.69 -23.25 -3.18
C CYS D 111 -17.39 -24.70 -3.50
N SER D 112 -17.59 -25.09 -4.75
CA SER D 112 -17.29 -26.44 -5.20
C SER D 112 -15.87 -26.53 -5.75
N LYS D 113 -15.39 -27.76 -5.89
CA LYS D 113 -14.05 -28.00 -6.43
C LYS D 113 -14.07 -27.85 -7.93
N LEU D 114 -13.20 -27.00 -8.46
CA LEU D 114 -13.12 -26.81 -9.90
C LEU D 114 -12.41 -28.02 -10.53
N SER D 115 -13.12 -28.72 -11.40
CA SER D 115 -12.56 -29.91 -12.04
C SER D 115 -12.56 -29.80 -13.56
N VAL D 116 -11.78 -30.64 -14.21
CA VAL D 116 -11.77 -30.70 -15.66
C VAL D 116 -13.16 -31.06 -16.14
N GLY D 117 -13.60 -30.40 -17.21
CA GLY D 117 -14.92 -30.63 -17.74
C GLY D 117 -15.90 -29.56 -17.29
N ASP D 118 -15.67 -29.01 -16.10
CA ASP D 118 -16.49 -27.91 -15.59
C ASP D 118 -16.56 -26.78 -16.60
N VAL D 119 -17.77 -26.31 -16.89
CA VAL D 119 -17.96 -25.22 -17.84
C VAL D 119 -18.19 -23.90 -17.11
N CYS D 120 -17.14 -23.08 -17.07
CA CYS D 120 -17.22 -21.78 -16.42
C CYS D 120 -17.94 -20.80 -17.34
N ILE D 121 -19.09 -20.30 -16.88
CA ILE D 121 -19.90 -19.42 -17.70
C ILE D 121 -19.86 -17.98 -17.21
N SER D 122 -20.18 -17.06 -18.12
CA SER D 122 -20.30 -15.64 -17.81
C SER D 122 -21.04 -14.92 -18.94
N LEU D 123 -21.33 -13.64 -18.73
CA LEU D 123 -22.00 -12.83 -19.75
C LEU D 123 -21.02 -11.95 -20.52
N THR D 124 -21.18 -11.91 -21.84
CA THR D 124 -20.36 -11.08 -22.70
C THR D 124 -21.18 -10.37 -23.76
N LEU D 125 -20.50 -9.69 -24.67
CA LEU D 125 -21.15 -9.02 -25.78
C LEU D 125 -21.05 -9.85 -27.05
N LYS D 126 -22.01 -9.68 -27.96
CA LYS D 126 -21.88 -10.23 -29.30
C LYS D 126 -21.52 -9.11 -30.27
NA NA E . 0.65 19.21 -2.79
C1 PEG F . 0.24 8.54 -3.42
O1 PEG F . 0.67 9.61 -2.68
C2 PEG F . 0.91 7.22 -3.19
O2 PEG F . 0.41 6.12 -3.83
C3 PEG F . 1.09 4.94 -3.74
C4 PEG F . 0.47 3.73 -4.35
O4 PEG F . 1.07 2.53 -4.09
NA NA G . -4.74 -4.35 6.13
NA NA H . -29.06 -12.26 -26.16
#